data_1WVY
#
_entry.id   1WVY
#
_cell.length_a   78.911
_cell.length_b   113.162
_cell.length_c   50.658
_cell.angle_alpha   90.00
_cell.angle_beta   90.00
_cell.angle_gamma   90.00
#
_symmetry.space_group_name_H-M   'P 21 21 21'
#
loop_
_entity.id
_entity.type
_entity.pdbx_description
1 polymer 'Death-associated protein kinase 1'
2 non-polymer STAUROSPORINE
3 water water
#
_entity_poly.entity_id   1
_entity_poly.type   'polypeptide(L)'
_entity_poly.pdbx_seq_one_letter_code
;MTVFRQENVDDYYDTGEELGSGQFAVVKKCREKSTGLQYAAKFIKKRRTKSSRRGVSREDIEREVSILKEIQHPNVITLH
EVYENKTDVILILELVAGGELFDFLAEKESLTEEEATEFLKQILNGVYYLHSLQIAHFDLKPENIMLLDRNVPKPRIKII
DFGLAHKIDFGNEFKNIFGTPEFVAPEIVNYEPLGLEADMWSIGVITYILLSGASPFLGDTKQETLANVSAVNYEFEDEY
FSNTSALAKDFIRRLLVKDPKKRMTIQDSLQHPWIKPK
;
_entity_poly.pdbx_strand_id   A
#
# COMPACT_ATOMS: atom_id res chain seq x y z
N PHE A 4 20.31 -13.25 -6.01
CA PHE A 4 20.55 -11.78 -6.16
C PHE A 4 21.96 -11.51 -6.67
N ARG A 5 22.11 -10.43 -7.42
CA ARG A 5 23.42 -10.08 -7.96
C ARG A 5 24.36 -9.74 -6.80
N GLN A 6 25.45 -10.51 -6.70
CA GLN A 6 26.42 -10.31 -5.64
C GLN A 6 27.46 -9.22 -5.91
N GLU A 7 27.35 -8.54 -7.05
CA GLU A 7 28.30 -7.47 -7.37
C GLU A 7 27.95 -6.20 -6.62
N ASN A 8 28.77 -5.17 -6.84
CA ASN A 8 28.57 -3.89 -6.17
C ASN A 8 27.61 -2.96 -6.93
N VAL A 9 26.54 -2.56 -6.26
CA VAL A 9 25.57 -1.66 -6.86
C VAL A 9 26.29 -0.46 -7.46
N ASP A 10 27.12 0.19 -6.66
CA ASP A 10 27.87 1.37 -7.06
C ASP A 10 28.65 1.24 -8.39
N ASP A 11 28.86 -0.01 -8.83
CA ASP A 11 29.57 -0.28 -10.08
C ASP A 11 28.66 -0.12 -11.29
N TYR A 12 27.36 -0.30 -11.09
CA TYR A 12 26.45 -0.18 -12.21
C TYR A 12 25.47 0.98 -12.04
N TYR A 13 25.33 1.47 -10.82
CA TYR A 13 24.43 2.60 -10.57
C TYR A 13 25.13 3.68 -9.77
N ASP A 14 24.64 4.90 -9.93
CA ASP A 14 25.15 6.05 -9.20
C ASP A 14 24.04 6.54 -8.31
N THR A 15 24.12 6.16 -7.05
CA THR A 15 23.14 6.54 -6.05
C THR A 15 23.13 8.05 -5.96
N GLY A 16 22.01 8.61 -5.50
CA GLY A 16 21.91 10.05 -5.38
C GLY A 16 21.19 10.49 -4.12
N GLU A 17 20.35 11.51 -4.26
CA GLU A 17 19.57 12.06 -3.16
C GLU A 17 18.71 10.99 -2.48
N GLU A 18 18.50 11.14 -1.18
CA GLU A 18 17.67 10.19 -0.44
C GLU A 18 16.23 10.61 -0.66
N LEU A 19 15.36 9.63 -0.94
CA LEU A 19 13.94 9.93 -1.18
C LEU A 19 13.07 9.74 0.04
N GLY A 20 13.49 8.86 0.94
CA GLY A 20 12.73 8.60 2.15
C GLY A 20 13.35 7.49 2.98
N SER A 21 12.88 7.36 4.22
CA SER A 21 13.39 6.35 5.13
C SER A 21 12.28 5.59 5.83
N GLY A 22 12.63 4.40 6.30
CA GLY A 22 11.69 3.54 7.02
C GLY A 22 12.43 2.88 8.16
N GLN A 23 11.69 2.21 9.05
CA GLN A 23 12.35 1.56 10.17
C GLN A 23 13.36 0.55 9.67
N PHE A 24 13.05 -0.08 8.53
CA PHE A 24 13.96 -1.09 8.01
C PHE A 24 14.64 -0.77 6.68
N ALA A 25 14.22 0.30 6.02
CA ALA A 25 14.80 0.65 4.74
C ALA A 25 15.06 2.13 4.50
N VAL A 26 15.82 2.40 3.46
CA VAL A 26 16.14 3.76 3.07
C VAL A 26 16.25 3.72 1.55
N VAL A 27 15.33 4.40 0.88
CA VAL A 27 15.33 4.42 -0.57
C VAL A 27 16.02 5.65 -1.11
N LYS A 28 16.94 5.45 -2.04
CA LYS A 28 17.69 6.54 -2.64
C LYS A 28 17.48 6.55 -4.16
N LYS A 29 17.55 7.72 -4.76
CA LYS A 29 17.38 7.81 -6.21
C LYS A 29 18.72 7.45 -6.87
N CYS A 30 18.70 6.55 -7.83
CA CYS A 30 19.93 6.16 -8.51
C CYS A 30 19.83 6.24 -10.03
N ARG A 31 20.99 6.30 -10.68
CA ARG A 31 21.05 6.39 -12.14
C ARG A 31 21.87 5.25 -12.71
N GLU A 32 21.21 4.39 -13.47
CA GLU A 32 21.87 3.25 -14.11
C GLU A 32 22.88 3.79 -15.12
N LYS A 33 24.15 3.45 -14.91
CA LYS A 33 25.26 3.90 -15.75
C LYS A 33 25.16 3.64 -17.26
N SER A 34 24.83 2.41 -17.64
CA SER A 34 24.77 2.05 -19.06
C SER A 34 23.56 2.54 -19.84
N THR A 35 22.54 3.05 -19.14
CA THR A 35 21.34 3.53 -19.82
C THR A 35 21.01 4.96 -19.47
N GLY A 36 21.48 5.39 -18.31
CA GLY A 36 21.22 6.75 -17.87
C GLY A 36 19.82 6.85 -17.32
N LEU A 37 19.13 5.72 -17.15
CA LEU A 37 17.77 5.77 -16.61
C LEU A 37 17.78 5.88 -15.10
N GLN A 38 16.82 6.64 -14.59
CA GLN A 38 16.65 6.87 -13.16
C GLN A 38 15.80 5.74 -12.56
N TYR A 39 16.15 5.35 -11.34
CA TYR A 39 15.42 4.31 -10.62
C TYR A 39 15.35 4.65 -9.12
N ALA A 40 14.56 3.89 -8.38
CA ALA A 40 14.41 4.10 -6.94
C ALA A 40 15.03 2.90 -6.26
N ALA A 41 16.24 3.05 -5.76
CA ALA A 41 16.92 1.96 -5.07
C ALA A 41 16.50 1.94 -3.62
N LYS A 42 15.96 0.81 -3.18
CA LYS A 42 15.53 0.65 -1.81
C LYS A 42 16.54 -0.21 -1.06
N PHE A 43 17.21 0.39 -0.08
CA PHE A 43 18.20 -0.32 0.72
C PHE A 43 17.54 -0.92 1.95
N ILE A 44 17.58 -2.25 2.04
CA ILE A 44 16.99 -2.95 3.18
C ILE A 44 18.10 -3.59 4.00
N LYS A 45 18.29 -3.16 5.24
CA LYS A 45 19.35 -3.73 6.06
C LYS A 45 18.98 -5.12 6.55
N LYS A 46 19.90 -6.06 6.36
CA LYS A 46 19.67 -7.44 6.77
C LYS A 46 19.70 -7.66 8.27
N ARG A 47 18.97 -8.69 8.69
CA ARG A 47 18.89 -9.10 10.08
C ARG A 47 20.13 -9.95 10.31
N ARG A 48 20.87 -9.67 11.36
CA ARG A 48 22.09 -10.42 11.64
C ARG A 48 21.87 -11.69 12.46
N THR A 49 21.03 -11.57 13.48
CA THR A 49 20.73 -12.67 14.40
C THR A 49 19.24 -12.92 14.50
N LYS A 50 18.86 -14.18 14.67
CA LYS A 50 17.45 -14.55 14.79
C LYS A 50 16.81 -13.87 15.99
N SER A 51 17.61 -13.57 17.01
CA SER A 51 17.06 -12.93 18.19
C SER A 51 17.07 -11.41 18.05
N SER A 52 17.75 -10.92 17.02
CA SER A 52 17.82 -9.48 16.79
C SER A 52 16.46 -8.91 16.40
N ARG A 53 16.20 -7.69 16.85
CA ARG A 53 14.96 -6.99 16.57
C ARG A 53 15.22 -5.92 15.49
N ARG A 54 16.48 -5.82 15.08
CA ARG A 54 16.85 -4.83 14.07
C ARG A 54 17.03 -5.49 12.70
N GLY A 55 16.65 -4.76 11.65
CA GLY A 55 16.78 -5.25 10.30
C GLY A 55 15.63 -6.12 9.83
N VAL A 56 15.80 -6.73 8.66
CA VAL A 56 14.78 -7.61 8.10
C VAL A 56 15.40 -8.97 7.78
N SER A 57 14.75 -10.03 8.24
CA SER A 57 15.22 -11.40 8.02
C SER A 57 15.25 -11.72 6.52
N ARG A 58 16.32 -12.35 6.08
CA ARG A 58 16.43 -12.70 4.67
C ARG A 58 15.20 -13.42 4.15
N GLU A 59 14.43 -14.05 5.03
CA GLU A 59 13.23 -14.73 4.59
C GLU A 59 12.19 -13.69 4.24
N ASP A 60 12.05 -12.66 5.07
CA ASP A 60 11.09 -11.61 4.80
C ASP A 60 11.51 -10.86 3.54
N ILE A 61 12.81 -10.81 3.30
CA ILE A 61 13.32 -10.14 2.11
C ILE A 61 13.01 -11.02 0.91
N GLU A 62 13.19 -12.32 1.08
CA GLU A 62 12.92 -13.30 0.05
C GLU A 62 11.45 -13.11 -0.38
N ARG A 63 10.56 -13.14 0.60
CA ARG A 63 9.14 -12.99 0.36
C ARG A 63 8.80 -11.73 -0.44
N GLU A 64 9.34 -10.58 -0.04
CA GLU A 64 9.07 -9.33 -0.75
C GLU A 64 9.63 -9.33 -2.17
N VAL A 65 10.73 -10.03 -2.39
CA VAL A 65 11.32 -10.06 -3.72
C VAL A 65 10.55 -10.95 -4.68
N SER A 66 10.14 -12.11 -4.20
CA SER A 66 9.39 -13.06 -5.02
C SER A 66 8.09 -12.40 -5.49
N ILE A 67 7.35 -11.80 -4.55
CA ILE A 67 6.09 -11.14 -4.86
C ILE A 67 6.33 -10.11 -5.97
N LEU A 68 7.28 -9.22 -5.75
CA LEU A 68 7.62 -8.19 -6.71
C LEU A 68 8.01 -8.76 -8.04
N LYS A 69 8.73 -9.87 -8.01
CA LYS A 69 9.18 -10.49 -9.25
C LYS A 69 8.01 -11.10 -10.03
N GLU A 70 6.97 -11.51 -9.33
CA GLU A 70 5.81 -12.12 -9.96
C GLU A 70 4.81 -11.13 -10.57
N ILE A 71 4.53 -10.06 -9.84
CA ILE A 71 3.58 -9.05 -10.29
C ILE A 71 4.02 -8.24 -11.52
N GLN A 72 3.05 -7.83 -12.31
CA GLN A 72 3.28 -7.03 -13.52
C GLN A 72 1.96 -6.39 -13.91
N HIS A 73 1.74 -5.18 -13.43
CA HIS A 73 0.50 -4.51 -13.71
C HIS A 73 0.77 -3.02 -13.73
N PRO A 74 0.02 -2.27 -14.55
CA PRO A 74 0.20 -0.82 -14.65
C PRO A 74 0.04 -0.09 -13.32
N ASN A 75 -0.72 -0.66 -12.40
CA ASN A 75 -0.95 -0.02 -11.12
C ASN A 75 -0.09 -0.52 -9.97
N VAL A 76 0.99 -1.23 -10.30
CA VAL A 76 1.92 -1.74 -9.29
C VAL A 76 3.36 -1.45 -9.72
N ILE A 77 4.19 -1.05 -8.76
CA ILE A 77 5.59 -0.72 -9.00
C ILE A 77 6.22 -1.97 -9.59
N THR A 78 7.29 -1.81 -10.36
CA THR A 78 7.94 -2.96 -10.93
C THR A 78 9.37 -2.99 -10.45
N LEU A 79 9.87 -4.21 -10.22
CA LEU A 79 11.22 -4.42 -9.75
C LEU A 79 12.16 -4.58 -10.95
N HIS A 80 13.26 -3.83 -10.96
CA HIS A 80 14.23 -3.87 -12.05
C HIS A 80 15.39 -4.85 -11.79
N GLU A 81 16.01 -4.74 -10.62
CA GLU A 81 17.13 -5.59 -10.22
C GLU A 81 17.25 -5.74 -8.71
N VAL A 82 18.01 -6.74 -8.28
CA VAL A 82 18.19 -6.98 -6.85
C VAL A 82 19.66 -7.26 -6.55
N TYR A 83 20.26 -6.38 -5.76
CA TYR A 83 21.65 -6.52 -5.36
C TYR A 83 21.75 -6.80 -3.87
N GLU A 84 22.83 -7.47 -3.48
CA GLU A 84 23.06 -7.81 -2.07
C GLU A 84 24.54 -7.77 -1.69
N ASN A 85 24.85 -7.09 -0.59
CA ASN A 85 26.22 -7.02 -0.11
C ASN A 85 26.23 -7.56 1.31
N LYS A 86 27.38 -7.49 1.97
CA LYS A 86 27.53 -7.97 3.33
C LYS A 86 26.41 -7.53 4.27
N THR A 87 26.08 -6.25 4.24
CA THR A 87 25.06 -5.71 5.13
C THR A 87 23.65 -5.49 4.58
N ASP A 88 23.54 -5.14 3.31
CA ASP A 88 22.23 -4.84 2.75
C ASP A 88 21.77 -5.62 1.52
N VAL A 89 20.46 -5.59 1.28
CA VAL A 89 19.87 -6.19 0.08
C VAL A 89 19.23 -5.01 -0.62
N ILE A 90 19.76 -4.64 -1.78
CA ILE A 90 19.22 -3.48 -2.50
C ILE A 90 18.24 -3.89 -3.61
N LEU A 91 17.06 -3.28 -3.61
CA LEU A 91 16.06 -3.57 -4.63
C LEU A 91 15.97 -2.37 -5.57
N ILE A 92 16.37 -2.54 -6.82
CA ILE A 92 16.28 -1.45 -7.79
C ILE A 92 14.84 -1.43 -8.27
N LEU A 93 14.09 -0.44 -7.80
CA LEU A 93 12.68 -0.30 -8.13
C LEU A 93 12.34 0.80 -9.12
N GLU A 94 11.20 0.65 -9.78
CA GLU A 94 10.74 1.65 -10.72
C GLU A 94 10.64 2.97 -9.96
N LEU A 95 11.05 4.06 -10.60
CA LEU A 95 11.00 5.38 -9.97
C LEU A 95 9.74 6.16 -10.33
N VAL A 96 9.04 6.66 -9.32
CA VAL A 96 7.82 7.43 -9.56
C VAL A 96 8.09 8.94 -9.45
N ALA A 97 7.33 9.76 -10.18
CA ALA A 97 7.56 11.21 -10.14
C ALA A 97 6.36 12.06 -9.74
N GLY A 98 5.17 11.49 -9.83
CA GLY A 98 3.96 12.21 -9.49
C GLY A 98 3.73 12.55 -8.03
N GLY A 99 4.49 11.92 -7.14
CA GLY A 99 4.31 12.19 -5.72
C GLY A 99 3.15 11.39 -5.15
N GLU A 100 2.64 11.81 -4.00
CA GLU A 100 1.52 11.10 -3.38
C GLU A 100 0.21 11.51 -3.99
N LEU A 101 -0.66 10.53 -4.20
CA LEU A 101 -1.97 10.76 -4.78
C LEU A 101 -2.74 11.82 -4.02
N PHE A 102 -2.80 11.66 -2.70
CA PHE A 102 -3.52 12.59 -1.84
C PHE A 102 -2.89 13.99 -1.82
N ASP A 103 -1.63 14.10 -2.19
CA ASP A 103 -1.00 15.41 -2.26
C ASP A 103 -1.47 16.08 -3.55
N PHE A 104 -1.62 15.28 -4.60
CA PHE A 104 -2.08 15.77 -5.91
C PHE A 104 -3.52 16.25 -5.85
N LEU A 105 -4.40 15.46 -5.26
CA LEU A 105 -5.81 15.82 -5.14
C LEU A 105 -5.95 17.02 -4.21
N ALA A 106 -5.18 17.04 -3.14
CA ALA A 106 -5.24 18.13 -2.18
C ALA A 106 -4.51 19.37 -2.65
N GLU A 107 -4.53 19.62 -3.96
CA GLU A 107 -3.88 20.80 -4.52
C GLU A 107 -4.86 21.40 -5.51
N LYS A 108 -5.85 20.60 -5.88
CA LYS A 108 -6.88 21.02 -6.82
C LYS A 108 -8.01 21.66 -6.03
N GLU A 109 -8.95 22.30 -6.74
CA GLU A 109 -10.10 22.93 -6.09
C GLU A 109 -11.02 21.78 -5.67
N SER A 110 -12.34 21.99 -5.74
CA SER A 110 -13.25 20.91 -5.35
C SER A 110 -12.98 19.71 -6.26
N LEU A 111 -13.18 18.50 -5.72
CA LEU A 111 -12.95 17.29 -6.50
C LEU A 111 -14.25 16.52 -6.55
N THR A 112 -14.92 16.56 -7.70
CA THR A 112 -16.19 15.87 -7.87
C THR A 112 -16.12 14.47 -7.32
N GLU A 113 -17.21 14.02 -6.70
CA GLU A 113 -17.23 12.69 -6.14
C GLU A 113 -16.92 11.66 -7.21
N GLU A 114 -17.17 12.01 -8.47
CA GLU A 114 -16.90 11.12 -9.57
C GLU A 114 -15.46 11.25 -10.04
N GLU A 115 -14.91 12.45 -9.94
CA GLU A 115 -13.53 12.67 -10.35
C GLU A 115 -12.58 11.89 -9.45
N ALA A 116 -13.04 11.55 -8.25
CA ALA A 116 -12.24 10.81 -7.29
C ALA A 116 -12.37 9.31 -7.52
N THR A 117 -13.59 8.90 -7.86
CA THR A 117 -13.88 7.50 -8.13
C THR A 117 -13.01 6.98 -9.26
N GLU A 118 -12.56 7.89 -10.13
CA GLU A 118 -11.72 7.48 -11.25
C GLU A 118 -10.37 7.04 -10.71
N PHE A 119 -9.92 7.69 -9.64
CA PHE A 119 -8.65 7.34 -9.01
C PHE A 119 -8.85 6.08 -8.18
N LEU A 120 -9.94 6.03 -7.42
CA LEU A 120 -10.22 4.88 -6.59
C LEU A 120 -10.39 3.64 -7.46
N LYS A 121 -10.85 3.86 -8.68
CA LYS A 121 -11.06 2.76 -9.62
C LYS A 121 -9.68 2.16 -9.90
N GLN A 122 -8.69 3.03 -10.14
CA GLN A 122 -7.34 2.55 -10.42
C GLN A 122 -6.84 1.68 -9.27
N ILE A 123 -6.96 2.19 -8.05
CA ILE A 123 -6.50 1.43 -6.89
C ILE A 123 -7.19 0.07 -6.93
N LEU A 124 -8.52 0.06 -6.96
CA LEU A 124 -9.24 -1.20 -6.98
C LEU A 124 -8.69 -2.20 -7.99
N ASN A 125 -8.28 -1.71 -9.16
CA ASN A 125 -7.72 -2.59 -10.18
C ASN A 125 -6.45 -3.26 -9.67
N GLY A 126 -5.48 -2.44 -9.29
CA GLY A 126 -4.22 -2.98 -8.78
C GLY A 126 -4.49 -4.01 -7.70
N VAL A 127 -5.36 -3.70 -6.77
CA VAL A 127 -5.64 -4.64 -5.72
C VAL A 127 -6.28 -5.88 -6.35
N TYR A 128 -7.22 -5.66 -7.28
CA TYR A 128 -7.90 -6.76 -7.97
C TYR A 128 -6.85 -7.70 -8.61
N TYR A 129 -5.90 -7.10 -9.33
CA TYR A 129 -4.85 -7.88 -9.94
C TYR A 129 -4.18 -8.70 -8.85
N LEU A 130 -3.59 -8.02 -7.87
CA LEU A 130 -2.91 -8.67 -6.76
C LEU A 130 -3.73 -9.79 -6.13
N HIS A 131 -4.99 -9.51 -5.80
CA HIS A 131 -5.82 -10.53 -5.19
C HIS A 131 -6.02 -11.73 -6.10
N SER A 132 -6.13 -11.49 -7.41
CA SER A 132 -6.32 -12.60 -8.34
C SER A 132 -5.14 -13.57 -8.19
N LEU A 133 -3.94 -13.03 -8.03
CA LEU A 133 -2.77 -13.87 -7.84
C LEU A 133 -2.68 -14.30 -6.38
N GLN A 134 -3.78 -14.08 -5.64
CA GLN A 134 -3.86 -14.45 -4.23
C GLN A 134 -2.79 -13.78 -3.37
N ILE A 135 -2.51 -12.53 -3.69
CA ILE A 135 -1.54 -11.75 -2.94
C ILE A 135 -2.26 -10.67 -2.12
N ALA A 136 -2.07 -10.72 -0.81
CA ALA A 136 -2.64 -9.75 0.11
C ALA A 136 -1.55 -8.71 0.29
N HIS A 137 -1.87 -7.44 0.03
CA HIS A 137 -0.85 -6.38 0.16
C HIS A 137 -0.49 -6.13 1.62
N PHE A 138 -1.50 -6.10 2.46
CA PHE A 138 -1.32 -5.92 3.89
C PHE A 138 -0.71 -4.60 4.33
N ASP A 139 -0.54 -3.67 3.40
CA ASP A 139 0.00 -2.38 3.79
C ASP A 139 -0.60 -1.29 2.94
N LEU A 140 -1.88 -1.46 2.58
CA LEU A 140 -2.54 -0.47 1.76
C LEU A 140 -2.82 0.80 2.54
N LYS A 141 -2.21 1.89 2.09
CA LYS A 141 -2.38 3.18 2.74
C LYS A 141 -1.88 4.31 1.86
N PRO A 142 -2.53 5.48 1.96
CA PRO A 142 -2.20 6.67 1.19
C PRO A 142 -0.70 6.80 0.84
N GLU A 143 0.16 6.77 1.85
CA GLU A 143 1.60 6.88 1.67
C GLU A 143 2.13 5.90 0.63
N ASN A 144 1.46 4.77 0.43
CA ASN A 144 1.95 3.81 -0.53
C ASN A 144 1.28 3.93 -1.91
N ILE A 145 0.51 4.99 -2.08
CA ILE A 145 -0.19 5.24 -3.34
C ILE A 145 0.26 6.54 -4.02
N MET A 146 1.20 6.43 -4.96
CA MET A 146 1.70 7.60 -5.67
C MET A 146 1.24 7.68 -7.12
N LEU A 147 1.78 8.64 -7.87
CA LEU A 147 1.40 8.82 -9.26
C LEU A 147 2.63 8.74 -10.17
N LEU A 148 2.51 7.96 -11.22
CA LEU A 148 3.60 7.77 -12.16
C LEU A 148 4.10 9.12 -12.67
N ASP A 149 3.16 9.95 -13.13
CA ASP A 149 3.45 11.28 -13.67
C ASP A 149 2.21 12.13 -13.40
N ARG A 150 2.39 13.35 -12.91
CA ARG A 150 1.23 14.20 -12.62
C ARG A 150 0.92 15.22 -13.71
N ASN A 151 1.74 15.23 -14.76
CA ASN A 151 1.51 16.18 -15.84
C ASN A 151 0.96 15.45 -17.06
N VAL A 152 -0.22 14.85 -16.88
CA VAL A 152 -0.85 14.11 -17.97
C VAL A 152 -2.35 14.14 -17.84
N PRO A 153 -3.06 13.80 -18.93
CA PRO A 153 -4.53 13.81 -18.90
C PRO A 153 -5.09 12.96 -17.77
N LYS A 154 -4.76 11.68 -17.76
CA LYS A 154 -5.25 10.80 -16.72
C LYS A 154 -4.09 10.12 -16.01
N PRO A 155 -3.54 10.78 -14.98
CA PRO A 155 -2.41 10.25 -14.20
C PRO A 155 -2.70 8.90 -13.54
N ARG A 156 -1.76 7.98 -13.72
CA ARG A 156 -1.85 6.62 -13.17
C ARG A 156 -1.32 6.54 -11.75
N ILE A 157 -2.01 5.77 -10.92
CA ILE A 157 -1.56 5.59 -9.54
C ILE A 157 -0.72 4.34 -9.49
N LYS A 158 0.19 4.27 -8.52
CA LYS A 158 1.06 3.11 -8.36
C LYS A 158 1.14 2.73 -6.89
N ILE A 159 1.01 1.43 -6.62
CA ILE A 159 1.13 0.94 -5.26
C ILE A 159 2.63 0.67 -5.20
N ILE A 160 3.35 1.50 -4.46
CA ILE A 160 4.80 1.39 -4.45
C ILE A 160 5.54 0.50 -3.46
N ASP A 161 4.92 0.17 -2.33
CA ASP A 161 5.63 -0.67 -1.38
C ASP A 161 5.05 -2.07 -1.30
N PHE A 162 5.89 -3.06 -1.02
CA PHE A 162 5.44 -4.43 -0.93
C PHE A 162 6.04 -5.22 0.24
N GLY A 163 6.53 -4.49 1.24
CA GLY A 163 7.13 -5.11 2.41
C GLY A 163 6.25 -6.09 3.17
N LEU A 164 5.00 -5.73 3.44
CA LEU A 164 4.14 -6.64 4.16
C LEU A 164 3.37 -7.60 3.24
N ALA A 165 3.58 -7.50 1.93
CA ALA A 165 2.88 -8.35 0.97
C ALA A 165 3.05 -9.86 1.17
N HIS A 166 1.93 -10.56 1.24
CA HIS A 166 1.91 -12.01 1.43
C HIS A 166 1.07 -12.77 0.42
N LYS A 167 1.61 -13.92 0.00
CA LYS A 167 0.95 -14.81 -0.95
C LYS A 167 0.19 -15.84 -0.13
N ILE A 168 -1.13 -15.78 -0.21
CA ILE A 168 -1.96 -16.72 0.53
C ILE A 168 -1.84 -18.16 0.04
N ASP A 169 -1.20 -18.99 0.86
CA ASP A 169 -1.00 -20.40 0.55
C ASP A 169 -1.96 -21.29 1.31
N PHE A 170 -2.57 -22.25 0.61
CA PHE A 170 -3.51 -23.17 1.26
C PHE A 170 -2.79 -23.86 2.41
N GLY A 171 -3.46 -23.98 3.55
CA GLY A 171 -2.85 -24.63 4.70
C GLY A 171 -2.59 -23.75 5.91
N ASN A 172 -1.32 -23.56 6.24
CA ASN A 172 -0.95 -22.74 7.39
C ASN A 172 -1.11 -21.27 7.01
N GLU A 173 -1.36 -20.42 8.01
CA GLU A 173 -1.54 -18.98 7.78
C GLU A 173 -0.67 -18.12 8.70
N PHE A 174 -0.68 -16.81 8.46
CA PHE A 174 0.10 -15.87 9.27
C PHE A 174 -0.87 -15.08 10.14
N LYS A 175 -0.37 -14.43 11.17
CA LYS A 175 -1.22 -13.67 12.08
C LYS A 175 -0.78 -12.23 12.37
N ASN A 176 0.52 -12.04 12.63
CA ASN A 176 1.04 -10.71 12.95
C ASN A 176 1.02 -9.79 11.72
N ILE A 177 2.18 -9.66 11.08
CA ILE A 177 2.35 -8.81 9.90
C ILE A 177 1.30 -7.71 9.72
N PHE A 178 1.45 -6.62 10.48
CA PHE A 178 0.52 -5.51 10.38
C PHE A 178 1.26 -4.18 10.31
N GLY A 179 0.67 -3.23 9.61
CA GLY A 179 1.28 -1.92 9.46
C GLY A 179 0.70 -0.79 10.27
N THR A 180 0.48 0.35 9.61
CA THR A 180 -0.04 1.53 10.28
C THR A 180 -1.42 1.31 10.86
N PRO A 181 -1.56 1.53 12.18
CA PRO A 181 -2.80 1.40 12.96
C PRO A 181 -3.98 2.11 12.34
N GLU A 182 -3.74 3.32 11.86
CA GLU A 182 -4.80 4.12 11.26
C GLU A 182 -5.50 3.40 10.11
N PHE A 183 -4.78 2.50 9.44
CA PHE A 183 -5.32 1.78 8.29
C PHE A 183 -5.50 0.27 8.40
N VAL A 184 -5.00 -0.35 9.47
CA VAL A 184 -5.14 -1.80 9.62
C VAL A 184 -6.55 -2.24 9.97
N ALA A 185 -6.85 -3.50 9.71
CA ALA A 185 -8.18 -4.04 9.99
C ALA A 185 -8.29 -4.69 11.37
N PRO A 186 -9.51 -4.76 11.89
CA PRO A 186 -9.70 -5.38 13.20
C PRO A 186 -9.05 -6.75 13.35
N GLU A 187 -9.15 -7.58 12.31
CA GLU A 187 -8.55 -8.92 12.36
C GLU A 187 -7.11 -8.79 12.81
N ILE A 188 -6.45 -7.77 12.28
CA ILE A 188 -5.06 -7.51 12.61
C ILE A 188 -4.87 -7.14 14.07
N VAL A 189 -5.57 -6.09 14.51
CA VAL A 189 -5.45 -5.63 15.89
C VAL A 189 -5.63 -6.76 16.89
N ASN A 190 -6.63 -7.61 16.68
CA ASN A 190 -6.91 -8.71 17.59
C ASN A 190 -6.11 -9.95 17.24
N TYR A 191 -5.08 -9.79 16.42
CA TYR A 191 -4.21 -10.89 16.01
C TYR A 191 -5.03 -12.13 15.66
N GLU A 192 -5.88 -12.00 14.65
CA GLU A 192 -6.72 -13.12 14.22
C GLU A 192 -6.33 -13.55 12.81
N PRO A 193 -6.91 -14.65 12.32
CA PRO A 193 -6.59 -15.13 10.97
C PRO A 193 -6.78 -14.05 9.91
N LEU A 194 -5.72 -13.85 9.14
CA LEU A 194 -5.70 -12.83 8.09
C LEU A 194 -5.94 -13.39 6.71
N GLY A 195 -6.43 -12.53 5.82
CA GLY A 195 -6.67 -12.94 4.45
C GLY A 195 -6.69 -11.75 3.51
N LEU A 196 -7.49 -11.84 2.46
CA LEU A 196 -7.61 -10.75 1.50
C LEU A 196 -8.51 -9.66 2.08
N GLU A 197 -9.32 -10.04 3.08
CA GLU A 197 -10.25 -9.09 3.71
C GLU A 197 -9.59 -7.84 4.28
N ALA A 198 -8.41 -8.00 4.88
CA ALA A 198 -7.69 -6.87 5.45
C ALA A 198 -7.55 -5.78 4.40
N ASP A 199 -7.00 -6.12 3.25
CA ASP A 199 -6.83 -5.15 2.18
C ASP A 199 -8.10 -4.37 1.89
N MET A 200 -9.23 -5.07 1.85
CA MET A 200 -10.51 -4.43 1.57
C MET A 200 -10.88 -3.41 2.62
N TRP A 201 -10.61 -3.76 3.89
CA TRP A 201 -10.88 -2.84 4.98
C TRP A 201 -10.06 -1.59 4.69
N SER A 202 -8.77 -1.78 4.40
CA SER A 202 -7.88 -0.66 4.10
C SER A 202 -8.46 0.23 3.02
N ILE A 203 -8.98 -0.40 1.96
CA ILE A 203 -9.57 0.34 0.86
C ILE A 203 -10.73 1.19 1.37
N GLY A 204 -11.52 0.62 2.26
CA GLY A 204 -12.65 1.34 2.83
C GLY A 204 -12.17 2.62 3.52
N VAL A 205 -11.06 2.52 4.23
CA VAL A 205 -10.51 3.67 4.93
C VAL A 205 -9.98 4.69 3.95
N ILE A 206 -9.34 4.23 2.88
CA ILE A 206 -8.79 5.13 1.88
C ILE A 206 -9.93 5.94 1.27
N THR A 207 -10.96 5.26 0.79
CA THR A 207 -12.08 5.95 0.17
C THR A 207 -12.73 6.99 1.11
N TYR A 208 -12.90 6.61 2.37
CA TYR A 208 -13.49 7.50 3.37
C TYR A 208 -12.69 8.79 3.46
N ILE A 209 -11.38 8.66 3.61
CA ILE A 209 -10.51 9.82 3.69
C ILE A 209 -10.54 10.52 2.34
N LEU A 210 -10.47 9.74 1.27
CA LEU A 210 -10.50 10.27 -0.10
C LEU A 210 -11.63 11.29 -0.32
N LEU A 211 -12.83 10.93 0.12
CA LEU A 211 -14.01 11.79 -0.03
C LEU A 211 -14.19 12.90 1.02
N SER A 212 -13.83 12.63 2.28
CA SER A 212 -14.02 13.64 3.33
C SER A 212 -12.79 14.42 3.77
N GLY A 213 -11.62 13.78 3.72
CA GLY A 213 -10.41 14.46 4.14
C GLY A 213 -10.18 14.25 5.62
N ALA A 214 -10.89 13.28 6.18
CA ALA A 214 -10.78 12.94 7.60
C ALA A 214 -10.60 11.43 7.75
N SER A 215 -9.85 11.02 8.76
CA SER A 215 -9.63 9.60 9.01
C SER A 215 -10.79 9.11 9.87
N PRO A 216 -11.30 7.92 9.59
CA PRO A 216 -12.42 7.33 10.31
C PRO A 216 -12.10 6.69 11.67
N PHE A 217 -10.82 6.49 11.97
CA PHE A 217 -10.45 5.86 13.23
C PHE A 217 -9.21 6.49 13.88
N LEU A 218 -8.66 7.51 13.24
CA LEU A 218 -7.45 8.18 13.75
C LEU A 218 -7.63 8.82 15.14
N GLY A 219 -7.04 8.19 16.14
CA GLY A 219 -7.10 8.72 17.49
C GLY A 219 -5.92 9.63 17.73
N ASP A 220 -5.89 10.28 18.89
CA ASP A 220 -4.79 11.18 19.21
C ASP A 220 -3.53 10.39 19.49
N THR A 221 -3.71 9.10 19.79
CA THR A 221 -2.59 8.20 20.08
C THR A 221 -2.84 6.81 19.51
N LYS A 222 -1.76 6.13 19.15
CA LYS A 222 -1.85 4.78 18.61
C LYS A 222 -2.87 3.90 19.33
N GLN A 223 -2.96 4.04 20.65
CA GLN A 223 -3.88 3.22 21.42
C GLN A 223 -5.34 3.57 21.18
N GLU A 224 -5.62 4.87 21.01
CA GLU A 224 -7.00 5.30 20.76
C GLU A 224 -7.48 4.78 19.41
N THR A 225 -6.60 4.91 18.41
CA THR A 225 -6.89 4.45 17.06
C THR A 225 -7.25 2.98 17.07
N LEU A 226 -6.29 2.15 17.48
CA LEU A 226 -6.52 0.71 17.55
C LEU A 226 -7.82 0.44 18.26
N ALA A 227 -8.12 1.26 19.27
CA ALA A 227 -9.34 1.08 20.04
C ALA A 227 -10.57 1.34 19.16
N ASN A 228 -10.50 2.42 18.38
CA ASN A 228 -11.60 2.77 17.49
C ASN A 228 -11.75 1.71 16.40
N VAL A 229 -10.63 1.29 15.82
CA VAL A 229 -10.64 0.28 14.78
C VAL A 229 -11.26 -1.00 15.30
N SER A 230 -10.81 -1.41 16.48
CA SER A 230 -11.30 -2.63 17.12
C SER A 230 -12.79 -2.56 17.39
N ALA A 231 -13.27 -1.34 17.66
CA ALA A 231 -14.67 -1.11 17.96
C ALA A 231 -15.45 -0.68 16.72
N VAL A 232 -14.76 -0.53 15.61
CA VAL A 232 -15.37 -0.09 14.35
C VAL A 232 -16.42 0.97 14.67
N ASN A 233 -15.98 2.04 15.33
CA ASN A 233 -16.87 3.12 15.74
C ASN A 233 -16.90 4.34 14.81
N TYR A 234 -16.56 4.17 13.54
CA TYR A 234 -16.57 5.30 12.63
C TYR A 234 -17.99 5.83 12.47
N GLU A 235 -18.11 6.99 11.83
CA GLU A 235 -19.42 7.60 11.60
C GLU A 235 -19.29 8.62 10.49
N PHE A 236 -20.42 8.92 9.83
CA PHE A 236 -20.40 9.90 8.75
C PHE A 236 -20.93 11.23 9.25
N GLU A 237 -20.12 11.94 10.03
CA GLU A 237 -20.52 13.23 10.55
C GLU A 237 -20.86 14.21 9.43
N ASP A 238 -22.08 14.72 9.46
CA ASP A 238 -22.62 15.64 8.46
C ASP A 238 -21.68 16.81 8.10
N GLU A 239 -20.71 17.09 8.96
CA GLU A 239 -19.76 18.18 8.72
C GLU A 239 -18.81 17.86 7.56
N TYR A 240 -18.63 16.58 7.26
CA TYR A 240 -17.75 16.16 6.17
C TYR A 240 -18.48 15.39 5.07
N PHE A 241 -19.39 14.52 5.47
CA PHE A 241 -20.15 13.69 4.53
C PHE A 241 -21.53 14.24 4.17
N SER A 242 -21.63 15.55 3.99
CA SER A 242 -22.90 16.19 3.65
C SER A 242 -23.10 16.22 2.15
N ASN A 243 -21.98 16.23 1.42
CA ASN A 243 -21.99 16.26 -0.04
C ASN A 243 -21.51 14.92 -0.58
N THR A 244 -21.86 13.85 0.12
CA THR A 244 -21.46 12.51 -0.30
C THR A 244 -22.70 11.68 -0.59
N SER A 245 -22.78 11.12 -1.78
CA SER A 245 -23.92 10.32 -2.20
C SER A 245 -24.21 9.15 -1.26
N ALA A 246 -25.42 8.64 -1.32
CA ALA A 246 -25.81 7.53 -0.48
C ALA A 246 -25.01 6.29 -0.90
N LEU A 247 -24.81 6.14 -2.21
CA LEU A 247 -24.04 4.99 -2.70
C LEU A 247 -22.61 4.99 -2.18
N ALA A 248 -21.98 6.17 -2.11
CA ALA A 248 -20.62 6.26 -1.61
C ALA A 248 -20.55 5.70 -0.19
N LYS A 249 -21.38 6.24 0.69
CA LYS A 249 -21.40 5.77 2.07
C LYS A 249 -21.65 4.27 2.12
N ASP A 250 -22.60 3.78 1.33
CA ASP A 250 -22.91 2.35 1.32
C ASP A 250 -21.64 1.57 0.98
N PHE A 251 -20.94 2.05 -0.05
CA PHE A 251 -19.72 1.43 -0.50
C PHE A 251 -18.73 1.31 0.66
N ILE A 252 -18.60 2.39 1.44
CA ILE A 252 -17.69 2.39 2.58
C ILE A 252 -18.19 1.44 3.69
N ARG A 253 -19.50 1.48 3.95
CA ARG A 253 -20.10 0.63 4.97
C ARG A 253 -19.84 -0.84 4.72
N ARG A 254 -20.05 -1.26 3.47
CA ARG A 254 -19.84 -2.66 3.12
C ARG A 254 -18.39 -3.12 3.25
N LEU A 255 -17.47 -2.16 3.32
CA LEU A 255 -16.05 -2.48 3.44
C LEU A 255 -15.56 -2.44 4.88
N LEU A 256 -16.03 -1.46 5.65
CA LEU A 256 -15.63 -1.33 7.03
C LEU A 256 -16.57 -2.13 7.92
N VAL A 257 -16.38 -3.45 7.93
CA VAL A 257 -17.21 -4.31 8.77
C VAL A 257 -16.26 -5.22 9.53
N LYS A 258 -16.56 -5.47 10.80
CA LYS A 258 -15.70 -6.29 11.63
C LYS A 258 -15.57 -7.73 11.16
N ASP A 259 -16.68 -8.39 10.85
CA ASP A 259 -16.63 -9.77 10.38
C ASP A 259 -16.10 -9.82 8.94
N PRO A 260 -14.86 -10.30 8.76
CA PRO A 260 -14.22 -10.39 7.44
C PRO A 260 -15.05 -11.14 6.39
N LYS A 261 -15.77 -12.17 6.81
CA LYS A 261 -16.59 -12.94 5.89
C LYS A 261 -17.75 -12.13 5.33
N LYS A 262 -18.20 -11.15 6.10
CA LYS A 262 -19.31 -10.31 5.64
C LYS A 262 -18.80 -9.09 4.88
N ARG A 263 -17.50 -8.86 4.95
CA ARG A 263 -16.89 -7.72 4.27
C ARG A 263 -16.80 -7.95 2.76
N MET A 264 -17.10 -6.91 1.97
CA MET A 264 -17.01 -7.02 0.51
C MET A 264 -15.64 -7.52 0.07
N THR A 265 -15.59 -8.12 -1.11
CA THR A 265 -14.34 -8.61 -1.68
C THR A 265 -13.98 -7.64 -2.78
N ILE A 266 -12.81 -7.81 -3.37
CA ILE A 266 -12.37 -6.91 -4.44
C ILE A 266 -13.30 -6.98 -5.64
N GLN A 267 -13.87 -8.15 -5.88
CA GLN A 267 -14.79 -8.30 -7.00
C GLN A 267 -16.10 -7.59 -6.68
N ASP A 268 -16.69 -7.88 -5.52
CA ASP A 268 -17.94 -7.23 -5.12
C ASP A 268 -17.80 -5.71 -5.17
N SER A 269 -16.64 -5.19 -4.74
CA SER A 269 -16.44 -3.75 -4.74
C SER A 269 -16.45 -3.16 -6.15
N LEU A 270 -16.00 -3.94 -7.13
CA LEU A 270 -15.97 -3.48 -8.52
C LEU A 270 -17.35 -3.57 -9.13
N GLN A 271 -18.14 -4.50 -8.62
CA GLN A 271 -19.51 -4.72 -9.09
C GLN A 271 -20.46 -3.74 -8.38
N HIS A 272 -19.99 -3.18 -7.27
CA HIS A 272 -20.79 -2.24 -6.48
C HIS A 272 -21.30 -1.10 -7.35
N PRO A 273 -22.60 -0.78 -7.22
CA PRO A 273 -23.23 0.29 -7.99
C PRO A 273 -22.54 1.64 -7.90
N TRP A 274 -21.75 1.87 -6.86
CA TRP A 274 -21.07 3.15 -6.75
C TRP A 274 -19.89 3.21 -7.73
N ILE A 275 -19.47 2.03 -8.19
CA ILE A 275 -18.36 1.89 -9.12
C ILE A 275 -18.92 1.45 -10.48
N LYS A 276 -19.96 0.63 -10.41
CA LYS A 276 -20.66 0.11 -11.59
C LYS A 276 -19.81 -0.84 -12.43
#